data_6RD1
#
_entry.id   6RD1
#
_cell.length_a   95.050
_cell.length_b   121.740
_cell.length_c   74.470
_cell.angle_alpha   90.000
_cell.angle_beta   119.490
_cell.angle_gamma   90.000
#
_symmetry.space_group_name_H-M   'C 1 2 1'
#
loop_
_entity.id
_entity.type
_entity.pdbx_description
1 polymer 'Putative N-acetylneuraminate lyase'
2 non-polymer '5-(acetylamino)-3,5-dideoxy-D-glycero-D-galacto-non-2-ulosonic acid'
3 water water
#
_entity_poly.entity_id   1
_entity_poly.type   'polypeptide(L)'
_entity_poly.pdbx_seq_one_letter_code
;MSYYHHHHHHDYDIPTTENLYFQGAMADIGSMRNLEKYKGVIPAFYACYDKEGNISPEGVQGLTKYFVKKGVKGVYVNGS
SGECIYQSVEDRKIVLENVMKVAEGKLTVIAHVACNNTKDSQELARHAEGLGVDAIAAIPPIYFHLPEYAIAQYWNAISA
AAPNTDFVIYNIPQLAGVALTQNLFVEMRKNPNVIGVANSSMPVQDIQMFKQAAGAEYIIFNGPDEQFMSGRVIGAEGAI
GGTYGAMPELYLKLDECINAGKMTEARKIQYACNEIIYKMCSAHGNMYAVIKAILKINEGLELGAVREPLPALVDEDMEI
VKEAAQMICDAKKKFL
;
_entity_poly.pdbx_strand_id   A,B
#
loop_
_chem_comp.id
_chem_comp.type
_chem_comp.name
_chem_comp.formula
SI3 D-saccharide '5-(acetylamino)-3,5-dideoxy-D-glycero-D-galacto-non-2-ulosonic acid' 'C11 H19 N O9'
#
# COMPACT_ATOMS: atom_id res chain seq x y z
N ARG A 33 25.88 10.10 -21.36
CA ARG A 33 24.42 10.23 -21.35
C ARG A 33 23.98 11.65 -21.00
N ASN A 34 23.09 12.24 -21.83
CA ASN A 34 22.53 13.59 -21.66
C ASN A 34 21.19 13.57 -20.90
N LEU A 35 21.19 14.21 -19.71
CA LEU A 35 20.00 14.26 -18.84
C LEU A 35 19.50 15.68 -18.55
N GLU A 36 19.86 16.64 -19.42
CA GLU A 36 19.51 18.06 -19.31
C GLU A 36 18.03 18.31 -19.20
N LYS A 37 17.20 17.54 -19.95
CA LYS A 37 15.74 17.64 -19.97
C LYS A 37 15.07 17.27 -18.62
N TYR A 38 15.82 16.60 -17.73
CA TYR A 38 15.36 16.24 -16.39
C TYR A 38 15.86 17.21 -15.29
N LYS A 39 16.81 18.10 -15.64
CA LYS A 39 17.36 19.07 -14.68
C LYS A 39 16.44 20.26 -14.53
N GLY A 40 16.14 20.63 -13.30
CA GLY A 40 15.25 21.76 -13.02
C GLY A 40 14.03 21.37 -12.21
N VAL A 41 12.96 22.18 -12.31
CA VAL A 41 11.73 22.02 -11.52
C VAL A 41 10.68 21.22 -12.28
N ILE A 42 10.30 20.04 -11.71
CA ILE A 42 9.32 19.08 -12.23
C ILE A 42 8.22 18.86 -11.18
N PRO A 43 7.17 19.71 -11.19
CA PRO A 43 6.08 19.52 -10.23
C PRO A 43 5.37 18.18 -10.41
N ALA A 44 4.99 17.58 -9.27
CA ALA A 44 4.19 16.38 -9.31
C ALA A 44 2.77 16.88 -9.68
N PHE A 45 2.17 16.24 -10.70
CA PHE A 45 0.87 16.56 -11.28
C PHE A 45 -0.25 16.00 -10.41
N TYR A 46 -1.20 16.87 -10.04
CA TYR A 46 -2.33 16.52 -9.19
C TYR A 46 -3.41 15.72 -9.91
N ALA A 47 -4.23 14.97 -9.16
CA ALA A 47 -5.38 14.27 -9.69
C ALA A 47 -6.49 15.32 -9.95
N CYS A 48 -6.96 15.41 -11.21
CA CYS A 48 -8.02 16.35 -11.67
C CYS A 48 -9.34 15.59 -11.89
N TYR A 49 -10.30 15.75 -10.95
CA TYR A 49 -11.62 15.12 -10.97
C TYR A 49 -12.70 16.11 -11.35
N ASP A 50 -13.75 15.62 -12.02
CA ASP A 50 -14.95 16.42 -12.30
C ASP A 50 -15.75 16.49 -10.96
N LYS A 51 -16.99 16.99 -10.97
CA LYS A 51 -17.79 17.20 -9.75
C LYS A 51 -18.30 15.90 -9.06
N GLU A 52 -18.18 14.76 -9.73
CA GLU A 52 -18.62 13.46 -9.24
C GLU A 52 -17.45 12.60 -8.70
N GLY A 53 -16.22 13.05 -8.92
CA GLY A 53 -15.04 12.32 -8.45
C GLY A 53 -14.45 11.38 -9.48
N ASN A 54 -14.74 11.65 -10.75
CA ASN A 54 -14.15 10.86 -11.83
C ASN A 54 -13.04 11.71 -12.44
N ILE A 55 -12.06 11.05 -13.05
CA ILE A 55 -10.95 11.69 -13.74
C ILE A 55 -11.53 12.60 -14.87
N SER A 56 -11.26 13.90 -14.78
CA SER A 56 -11.73 14.91 -15.74
C SER A 56 -10.66 15.21 -16.82
N PRO A 57 -10.90 14.74 -18.09
CA PRO A 57 -9.94 15.00 -19.20
C PRO A 57 -9.69 16.50 -19.42
N GLU A 58 -10.77 17.27 -19.34
CA GLU A 58 -10.81 18.73 -19.47
C GLU A 58 -9.98 19.33 -18.34
N GLY A 59 -10.19 18.81 -17.13
CA GLY A 59 -9.49 19.24 -15.92
C GLY A 59 -8.00 19.01 -16.01
N VAL A 60 -7.60 17.79 -16.43
CA VAL A 60 -6.20 17.41 -16.63
C VAL A 60 -5.51 18.38 -17.64
N GLN A 61 -6.16 18.60 -18.81
CA GLN A 61 -5.68 19.51 -19.88
C GLN A 61 -5.43 20.91 -19.38
N GLY A 62 -6.38 21.43 -18.61
CA GLY A 62 -6.31 22.73 -17.97
C GLY A 62 -5.15 22.86 -17.01
N LEU A 63 -4.86 21.80 -16.22
CA LEU A 63 -3.73 21.85 -15.29
C LEU A 63 -2.41 21.75 -16.05
N THR A 64 -2.42 21.04 -17.18
CA THR A 64 -1.19 20.91 -18.00
C THR A 64 -0.91 22.28 -18.63
N LYS A 65 -1.97 22.95 -19.17
CA LYS A 65 -1.86 24.31 -19.75
C LYS A 65 -1.30 25.27 -18.70
N TYR A 66 -1.75 25.16 -17.46
CA TYR A 66 -1.26 25.97 -16.35
C TYR A 66 0.28 25.77 -16.19
N PHE A 67 0.75 24.51 -16.25
CA PHE A 67 2.17 24.18 -16.09
C PHE A 67 3.03 24.65 -17.29
N VAL A 68 2.49 24.54 -18.53
CA VAL A 68 3.14 25.02 -19.76
C VAL A 68 3.41 26.56 -19.64
N LYS A 69 2.34 27.32 -19.33
CA LYS A 69 2.37 28.77 -19.15
C LYS A 69 3.29 29.20 -17.97
N LYS A 70 3.41 28.36 -16.94
CA LYS A 70 4.25 28.75 -15.80
C LYS A 70 5.75 28.52 -16.06
N GLY A 71 6.05 27.81 -17.14
CA GLY A 71 7.42 27.55 -17.59
C GLY A 71 8.28 26.62 -16.74
N VAL A 72 7.69 25.52 -16.22
CA VAL A 72 8.40 24.49 -15.42
C VAL A 72 9.10 23.53 -16.38
N LYS A 73 10.13 22.79 -15.92
CA LYS A 73 10.87 21.86 -16.79
C LYS A 73 9.99 20.74 -17.34
N GLY A 74 9.17 20.19 -16.46
CA GLY A 74 8.27 19.12 -16.86
C GLY A 74 7.23 18.83 -15.80
N VAL A 75 6.59 17.67 -15.92
CA VAL A 75 5.56 17.21 -14.99
C VAL A 75 5.80 15.74 -14.62
N TYR A 76 5.55 15.41 -13.35
CA TYR A 76 5.65 14.07 -12.79
C TYR A 76 4.20 13.61 -12.63
N VAL A 77 3.75 12.76 -13.54
CA VAL A 77 2.35 12.33 -13.68
C VAL A 77 2.06 11.01 -12.95
N ASN A 78 0.89 10.93 -12.28
CA ASN A 78 0.38 9.75 -11.59
C ASN A 78 1.31 9.24 -10.47
N GLY A 79 1.90 10.16 -9.74
CA GLY A 79 2.70 9.84 -8.56
C GLY A 79 1.78 9.79 -7.35
N SER A 80 2.37 9.84 -6.15
CA SER A 80 1.63 9.84 -4.88
C SER A 80 0.78 11.13 -4.82
N SER A 81 1.34 12.25 -5.28
CA SER A 81 0.67 13.56 -5.38
C SER A 81 -0.49 13.52 -6.37
N GLY A 82 -0.42 12.62 -7.35
CA GLY A 82 -1.49 12.41 -8.31
C GLY A 82 -2.45 11.35 -7.82
N GLU A 83 -2.40 11.01 -6.50
CA GLU A 83 -3.26 10.00 -5.85
C GLU A 83 -3.27 8.62 -6.56
N CYS A 84 -2.13 8.22 -7.19
CA CYS A 84 -1.99 6.95 -7.95
C CYS A 84 -2.57 5.74 -7.22
N ILE A 85 -2.26 5.63 -5.91
CA ILE A 85 -2.70 4.62 -4.94
C ILE A 85 -4.22 4.38 -5.08
N TYR A 86 -4.98 5.47 -5.27
CA TYR A 86 -6.44 5.43 -5.33
C TYR A 86 -7.03 5.37 -6.74
N GLN A 87 -6.20 5.29 -7.79
CA GLN A 87 -6.69 5.26 -9.19
C GLN A 87 -6.67 3.88 -9.78
N SER A 88 -7.51 3.66 -10.80
CA SER A 88 -7.53 2.42 -11.56
C SER A 88 -6.50 2.56 -12.68
N VAL A 89 -6.16 1.46 -13.35
CA VAL A 89 -5.23 1.49 -14.49
C VAL A 89 -5.83 2.43 -15.58
N GLU A 90 -7.14 2.35 -15.83
CA GLU A 90 -7.84 3.20 -16.81
C GLU A 90 -7.77 4.67 -16.40
N ASP A 91 -8.01 4.98 -15.11
CA ASP A 91 -7.93 6.36 -14.60
C ASP A 91 -6.55 6.94 -14.93
N ARG A 92 -5.49 6.15 -14.68
CA ARG A 92 -4.11 6.58 -14.88
C ARG A 92 -3.74 6.77 -16.35
N LYS A 93 -4.37 6.00 -17.26
CA LYS A 93 -4.18 6.08 -18.72
C LYS A 93 -4.78 7.38 -19.23
N ILE A 94 -6.04 7.66 -18.82
CA ILE A 94 -6.76 8.90 -19.17
C ILE A 94 -5.94 10.12 -18.76
N VAL A 95 -5.44 10.17 -17.52
CA VAL A 95 -4.60 11.27 -17.02
C VAL A 95 -3.43 11.53 -17.96
N LEU A 96 -2.60 10.51 -18.21
CA LEU A 96 -1.44 10.64 -19.09
C LEU A 96 -1.79 11.06 -20.52
N GLU A 97 -2.84 10.46 -21.12
CA GLU A 97 -3.31 10.77 -22.48
C GLU A 97 -3.62 12.25 -22.61
N ASN A 98 -4.40 12.80 -21.67
CA ASN A 98 -4.76 14.21 -21.62
C ASN A 98 -3.57 15.13 -21.25
N VAL A 99 -2.56 14.60 -20.52
CA VAL A 99 -1.35 15.37 -20.19
C VAL A 99 -0.55 15.51 -21.48
N MET A 100 -0.40 14.39 -22.23
CA MET A 100 0.34 14.32 -23.50
C MET A 100 -0.27 15.16 -24.61
N LYS A 101 -1.62 15.16 -24.75
CA LYS A 101 -2.34 15.97 -25.74
C LYS A 101 -1.88 17.43 -25.67
N VAL A 102 -1.64 17.91 -24.45
CA VAL A 102 -1.24 19.30 -24.20
C VAL A 102 0.30 19.47 -24.02
N ALA A 103 1.00 18.57 -23.32
CA ALA A 103 2.45 18.75 -23.02
C ALA A 103 3.42 18.10 -24.00
N GLU A 104 2.96 17.15 -24.85
CA GLU A 104 3.86 16.47 -25.79
C GLU A 104 4.65 17.48 -26.64
N GLY A 105 5.97 17.43 -26.49
CA GLY A 105 6.92 18.29 -27.17
C GLY A 105 7.21 19.59 -26.45
N LYS A 106 6.34 19.97 -25.53
CA LYS A 106 6.47 21.23 -24.80
C LYS A 106 7.12 21.06 -23.43
N LEU A 107 6.71 20.04 -22.64
CA LEU A 107 7.25 19.74 -21.31
C LEU A 107 7.93 18.38 -21.27
N THR A 108 8.85 18.17 -20.30
CA THR A 108 9.44 16.84 -20.07
C THR A 108 8.34 16.06 -19.32
N VAL A 109 8.08 14.80 -19.73
CA VAL A 109 7.07 13.98 -19.09
C VAL A 109 7.66 12.71 -18.46
N ILE A 110 7.47 12.61 -17.12
CA ILE A 110 7.82 11.46 -16.31
C ILE A 110 6.49 10.90 -15.81
N ALA A 111 6.16 9.67 -16.22
CA ALA A 111 4.95 9.02 -15.79
C ALA A 111 5.27 7.93 -14.72
N HIS A 112 4.66 8.04 -13.54
CA HIS A 112 4.82 7.04 -12.51
C HIS A 112 3.88 5.91 -12.89
N VAL A 113 4.40 4.68 -13.06
CA VAL A 113 3.57 3.57 -13.55
C VAL A 113 3.34 2.43 -12.54
N ALA A 114 4.03 2.49 -11.37
CA ALA A 114 3.91 1.49 -10.31
C ALA A 114 2.51 1.38 -9.70
N CYS A 115 2.02 0.13 -9.63
CA CYS A 115 0.74 -0.30 -9.08
C CYS A 115 1.03 -1.35 -8.01
N ASN A 116 0.01 -1.74 -7.22
CA ASN A 116 0.16 -2.78 -6.19
C ASN A 116 0.79 -4.06 -6.74
N ASN A 117 0.26 -4.60 -7.87
CA ASN A 117 0.80 -5.79 -8.52
C ASN A 117 1.66 -5.42 -9.74
N THR A 118 2.44 -6.41 -10.26
CA THR A 118 3.35 -6.21 -11.38
C THR A 118 2.62 -6.06 -12.71
N LYS A 119 1.65 -6.93 -13.03
CA LYS A 119 0.93 -6.88 -14.31
C LYS A 119 0.24 -5.54 -14.58
N ASP A 120 -0.33 -4.89 -13.54
CA ASP A 120 -0.95 -3.56 -13.71
C ASP A 120 0.14 -2.50 -14.05
N SER A 121 1.30 -2.60 -13.38
CA SER A 121 2.45 -1.70 -13.58
C SER A 121 3.06 -1.86 -14.99
N GLN A 122 3.09 -3.10 -15.52
CA GLN A 122 3.60 -3.41 -16.85
C GLN A 122 2.67 -2.83 -17.92
N GLU A 123 1.34 -2.94 -17.70
CA GLU A 123 0.31 -2.42 -18.60
C GLU A 123 0.46 -0.90 -18.73
N LEU A 124 0.74 -0.22 -17.59
CA LEU A 124 0.92 1.23 -17.57
C LEU A 124 2.24 1.67 -18.17
N ALA A 125 3.32 0.89 -17.96
CA ALA A 125 4.64 1.14 -18.52
C ALA A 125 4.58 1.00 -20.06
N ARG A 126 3.82 0.02 -20.56
CA ARG A 126 3.61 -0.21 -21.99
C ARG A 126 2.85 0.97 -22.55
N HIS A 127 1.69 1.29 -21.94
CA HIS A 127 0.84 2.41 -22.35
C HIS A 127 1.61 3.73 -22.42
N ALA A 128 2.48 4.01 -21.42
CA ALA A 128 3.28 5.23 -21.36
C ALA A 128 4.26 5.33 -22.54
N GLU A 129 4.93 4.19 -22.88
CA GLU A 129 5.88 4.13 -24.01
C GLU A 129 5.16 4.42 -25.34
N GLY A 130 3.92 3.92 -25.47
CA GLY A 130 3.04 4.16 -26.61
C GLY A 130 2.73 5.62 -26.82
N LEU A 131 2.71 6.43 -25.73
CA LEU A 131 2.48 7.88 -25.81
C LEU A 131 3.78 8.67 -25.94
N GLY A 132 4.89 7.97 -25.86
CA GLY A 132 6.22 8.55 -26.01
C GLY A 132 6.65 9.48 -24.89
N VAL A 133 6.39 9.09 -23.62
CA VAL A 133 6.84 9.85 -22.44
C VAL A 133 8.36 9.82 -22.40
N ASP A 134 8.97 10.84 -21.81
CA ASP A 134 10.43 10.88 -21.66
C ASP A 134 10.94 9.78 -20.76
N ALA A 135 10.27 9.58 -19.60
CA ALA A 135 10.66 8.57 -18.63
C ALA A 135 9.48 7.98 -17.91
N ILE A 136 9.68 6.76 -17.39
CA ILE A 136 8.76 6.09 -16.51
C ILE A 136 9.41 6.02 -15.11
N ALA A 137 8.57 6.02 -14.07
CA ALA A 137 9.07 5.99 -12.71
C ALA A 137 8.32 4.94 -11.89
N ALA A 138 8.97 4.43 -10.87
CA ALA A 138 8.32 3.45 -10.02
C ALA A 138 8.76 3.55 -8.56
N ILE A 139 7.79 3.51 -7.66
CA ILE A 139 8.04 3.41 -6.24
C ILE A 139 8.31 1.89 -6.01
N PRO A 140 8.87 1.49 -4.84
CA PRO A 140 9.08 0.05 -4.60
C PRO A 140 7.76 -0.67 -4.37
N PRO A 141 7.72 -2.02 -4.30
CA PRO A 141 6.49 -2.68 -3.81
C PRO A 141 6.16 -2.16 -2.39
N ILE A 142 4.88 -2.02 -2.10
CA ILE A 142 4.41 -1.48 -0.82
C ILE A 142 3.77 -2.56 0.06
N TYR A 143 3.30 -2.14 1.27
CA TYR A 143 2.59 -2.94 2.28
C TYR A 143 3.52 -4.03 2.89
N PHE A 144 3.81 -5.10 2.12
CA PHE A 144 4.75 -6.13 2.56
C PHE A 144 6.17 -5.56 2.33
N HIS A 145 7.14 -5.98 3.17
CA HIS A 145 8.54 -5.60 3.04
C HIS A 145 9.20 -6.74 2.26
N LEU A 146 9.25 -6.57 0.95
CA LEU A 146 9.80 -7.58 0.07
C LEU A 146 11.31 -7.53 0.02
N PRO A 147 11.99 -8.70 -0.10
CA PRO A 147 13.46 -8.68 -0.19
C PRO A 147 13.96 -7.94 -1.43
N GLU A 148 15.23 -7.54 -1.39
CA GLU A 148 15.86 -6.74 -2.44
C GLU A 148 15.70 -7.32 -3.83
N TYR A 149 15.82 -8.67 -3.96
CA TYR A 149 15.73 -9.34 -5.25
C TYR A 149 14.34 -9.27 -5.84
N ALA A 150 13.30 -9.24 -4.99
CA ALA A 150 11.90 -9.11 -5.40
C ALA A 150 11.65 -7.67 -5.85
N ILE A 151 12.31 -6.68 -5.22
CA ILE A 151 12.14 -5.27 -5.60
C ILE A 151 12.78 -5.07 -6.98
N ALA A 152 14.01 -5.57 -7.15
CA ALA A 152 14.73 -5.47 -8.43
C ALA A 152 13.96 -6.14 -9.57
N GLN A 153 13.33 -7.31 -9.30
CA GLN A 153 12.54 -8.06 -10.28
C GLN A 153 11.32 -7.25 -10.70
N TYR A 154 10.65 -6.60 -9.73
CA TYR A 154 9.47 -5.76 -9.93
C TYR A 154 9.81 -4.60 -10.88
N TRP A 155 10.87 -3.84 -10.57
CA TRP A 155 11.31 -2.68 -11.34
C TRP A 155 11.77 -3.05 -12.74
N ASN A 156 12.56 -4.13 -12.86
CA ASN A 156 13.05 -4.60 -14.16
C ASN A 156 11.91 -5.16 -15.00
N ALA A 157 10.87 -5.72 -14.39
CA ALA A 157 9.72 -6.24 -15.15
C ALA A 157 8.92 -5.08 -15.74
N ILE A 158 8.86 -3.95 -15.01
CA ILE A 158 8.20 -2.70 -15.44
C ILE A 158 9.02 -2.09 -16.59
N SER A 159 10.34 -1.95 -16.37
CA SER A 159 11.28 -1.42 -17.34
C SER A 159 11.25 -2.21 -18.65
N ALA A 160 11.11 -3.55 -18.58
CA ALA A 160 11.05 -4.44 -19.73
C ALA A 160 9.76 -4.27 -20.53
N ALA A 161 8.69 -3.75 -19.88
CA ALA A 161 7.39 -3.46 -20.53
C ALA A 161 7.45 -2.12 -21.27
N ALA A 162 8.54 -1.34 -21.06
CA ALA A 162 8.84 -0.06 -21.73
C ALA A 162 10.37 -0.08 -22.01
N PRO A 163 10.86 -1.01 -22.90
CA PRO A 163 12.32 -1.20 -23.06
C PRO A 163 13.11 -0.09 -23.73
N ASN A 164 12.44 0.93 -24.26
CA ASN A 164 13.09 2.05 -24.93
C ASN A 164 12.97 3.35 -24.13
N THR A 165 12.27 3.31 -22.98
CA THR A 165 12.03 4.48 -22.14
C THR A 165 12.97 4.54 -20.93
N ASP A 166 13.37 5.76 -20.56
CA ASP A 166 14.20 6.03 -19.38
C ASP A 166 13.41 5.62 -18.13
N PHE A 167 14.16 5.26 -17.06
CA PHE A 167 13.57 4.74 -15.82
C PHE A 167 14.08 5.46 -14.57
N VAL A 168 13.13 5.98 -13.75
CA VAL A 168 13.45 6.66 -12.48
C VAL A 168 12.99 5.78 -11.35
N ILE A 169 13.89 5.51 -10.40
CA ILE A 169 13.57 4.73 -9.22
C ILE A 169 13.16 5.69 -8.12
N TYR A 170 12.06 5.39 -7.44
CA TYR A 170 11.60 6.23 -6.32
C TYR A 170 12.03 5.68 -4.96
N ASN A 171 12.81 6.46 -4.21
CA ASN A 171 13.18 6.09 -2.85
C ASN A 171 12.30 6.92 -1.91
N ILE A 172 11.29 6.24 -1.27
CA ILE A 172 10.29 6.86 -0.37
C ILE A 172 9.99 5.90 0.82
N PRO A 173 11.03 5.67 1.68
CA PRO A 173 10.89 4.68 2.77
C PRO A 173 9.81 4.99 3.81
N GLN A 174 9.52 6.29 4.04
CA GLN A 174 8.50 6.74 4.98
C GLN A 174 7.12 6.11 4.63
N LEU A 175 6.81 6.05 3.32
CA LEU A 175 5.54 5.55 2.83
C LEU A 175 5.58 4.13 2.34
N ALA A 176 6.59 3.75 1.53
CA ALA A 176 6.71 2.39 0.99
C ALA A 176 7.07 1.34 2.05
N GLY A 177 7.74 1.76 3.12
CA GLY A 177 8.19 0.89 4.20
C GLY A 177 9.49 0.14 3.92
N VAL A 178 10.02 0.27 2.70
CA VAL A 178 11.28 -0.31 2.22
C VAL A 178 12.09 0.84 1.61
N ALA A 179 13.42 0.78 1.75
CA ALA A 179 14.28 1.82 1.21
C ALA A 179 15.13 1.28 0.07
N LEU A 180 15.55 2.19 -0.82
CA LEU A 180 16.50 1.84 -1.88
C LEU A 180 17.84 1.88 -1.16
N THR A 181 18.46 0.71 -1.05
CA THR A 181 19.77 0.60 -0.39
C THR A 181 20.83 0.88 -1.47
N GLN A 182 22.08 1.10 -1.05
CA GLN A 182 23.21 1.29 -1.97
C GLN A 182 23.40 0.02 -2.84
N ASN A 183 23.25 -1.19 -2.23
CA ASN A 183 23.38 -2.46 -2.94
C ASN A 183 22.30 -2.67 -3.98
N LEU A 184 21.04 -2.31 -3.66
CA LEU A 184 19.92 -2.44 -4.59
C LEU A 184 20.12 -1.48 -5.76
N PHE A 185 20.66 -0.27 -5.46
CA PHE A 185 20.97 0.73 -6.47
C PHE A 185 22.10 0.25 -7.42
N VAL A 186 23.16 -0.39 -6.89
CA VAL A 186 24.26 -0.99 -7.68
C VAL A 186 23.64 -2.03 -8.64
N GLU A 187 22.71 -2.84 -8.11
CA GLU A 187 22.02 -3.88 -8.85
C GLU A 187 21.17 -3.30 -9.98
N MET A 188 20.49 -2.17 -9.71
CA MET A 188 19.60 -1.51 -10.66
C MET A 188 20.35 -0.80 -11.77
N ARG A 189 21.55 -0.32 -11.47
CA ARG A 189 22.44 0.36 -12.43
C ARG A 189 22.90 -0.57 -13.56
N LYS A 190 22.67 -1.90 -13.41
CA LYS A 190 22.93 -2.90 -14.44
C LYS A 190 21.88 -2.74 -15.57
N ASN A 191 20.71 -2.16 -15.25
CA ASN A 191 19.66 -1.88 -16.23
C ASN A 191 20.05 -0.56 -16.91
N PRO A 192 20.33 -0.57 -18.25
CA PRO A 192 20.75 0.67 -18.90
C PRO A 192 19.65 1.75 -19.02
N ASN A 193 18.37 1.38 -18.86
CA ASN A 193 17.30 2.37 -18.91
C ASN A 193 17.22 3.24 -17.65
N VAL A 194 17.78 2.76 -16.53
CA VAL A 194 17.81 3.47 -15.25
C VAL A 194 18.68 4.71 -15.40
N ILE A 195 18.06 5.90 -15.26
CA ILE A 195 18.76 7.18 -15.39
C ILE A 195 19.05 7.84 -14.03
N GLY A 196 18.46 7.30 -12.94
CA GLY A 196 18.65 7.82 -11.60
C GLY A 196 17.56 7.52 -10.59
N VAL A 197 17.60 8.24 -9.46
CA VAL A 197 16.75 8.11 -8.27
C VAL A 197 16.01 9.41 -7.93
N ALA A 198 14.73 9.28 -7.58
CA ALA A 198 13.93 10.39 -7.08
C ALA A 198 13.90 10.16 -5.56
N ASN A 199 14.71 10.92 -4.80
CA ASN A 199 14.88 10.68 -3.36
C ASN A 199 14.00 11.54 -2.48
N SER A 200 12.99 10.87 -1.87
CA SER A 200 12.01 11.48 -0.99
C SER A 200 12.31 11.23 0.51
N SER A 201 13.34 10.44 0.84
CA SER A 201 13.77 10.24 2.22
C SER A 201 14.32 11.57 2.74
N MET A 202 14.30 11.77 4.05
CA MET A 202 14.73 12.99 4.71
C MET A 202 16.24 13.24 4.74
N PRO A 203 17.17 12.26 4.86
CA PRO A 203 18.60 12.62 4.87
C PRO A 203 19.11 13.05 3.48
N VAL A 204 19.80 14.20 3.43
CA VAL A 204 20.36 14.71 2.17
C VAL A 204 21.59 13.85 1.79
N GLN A 205 22.22 13.21 2.82
CA GLN A 205 23.32 12.25 2.68
C GLN A 205 22.92 11.16 1.69
N ASP A 206 21.62 10.79 1.64
CA ASP A 206 21.09 9.76 0.73
C ASP A 206 21.28 10.21 -0.71
N ILE A 207 20.99 11.51 -1.01
CA ILE A 207 21.19 12.14 -2.32
C ILE A 207 22.69 12.11 -2.67
N GLN A 208 23.52 12.55 -1.70
CA GLN A 208 24.97 12.60 -1.83
C GLN A 208 25.55 11.20 -2.13
N MET A 209 25.11 10.19 -1.39
CA MET A 209 25.62 8.83 -1.54
C MET A 209 25.19 8.21 -2.85
N PHE A 210 23.93 8.45 -3.28
CA PHE A 210 23.42 7.92 -4.54
C PHE A 210 24.16 8.55 -5.69
N LYS A 211 24.38 9.88 -5.63
CA LYS A 211 25.06 10.64 -6.68
C LYS A 211 26.51 10.21 -6.83
N GLN A 212 27.31 10.28 -5.72
CA GLN A 212 28.71 9.86 -5.67
C GLN A 212 28.85 8.44 -6.22
N ALA A 213 27.96 7.51 -5.81
CA ALA A 213 28.04 6.13 -6.29
C ALA A 213 27.76 5.97 -7.78
N ALA A 214 26.73 6.68 -8.31
CA ALA A 214 26.30 6.58 -9.71
C ALA A 214 27.15 7.37 -10.72
N GLY A 215 27.63 8.54 -10.31
CA GLY A 215 28.45 9.39 -11.18
C GLY A 215 27.66 10.31 -12.08
N ALA A 216 28.34 10.81 -13.12
CA ALA A 216 27.83 11.82 -14.06
C ALA A 216 26.73 11.37 -15.01
N GLU A 217 26.60 10.08 -15.33
CA GLU A 217 25.53 9.65 -16.24
C GLU A 217 24.17 9.42 -15.57
N TYR A 218 24.09 9.75 -14.26
CA TYR A 218 22.88 9.62 -13.46
C TYR A 218 22.41 10.93 -12.87
N ILE A 219 21.12 11.05 -12.61
CA ILE A 219 20.48 12.24 -12.03
C ILE A 219 19.76 11.87 -10.72
N ILE A 220 19.89 12.71 -9.69
CA ILE A 220 19.16 12.50 -8.44
C ILE A 220 18.16 13.64 -8.35
N PHE A 221 16.89 13.32 -8.10
CA PHE A 221 15.86 14.33 -7.99
C PHE A 221 15.58 14.57 -6.52
N ASN A 222 15.40 15.82 -6.12
CA ASN A 222 15.10 16.14 -4.72
C ASN A 222 13.59 15.98 -4.45
N GLY A 223 13.27 15.15 -3.46
CA GLY A 223 11.90 14.87 -3.04
C GLY A 223 11.37 15.74 -1.92
N PRO A 224 12.08 15.95 -0.76
CA PRO A 224 11.50 16.81 0.30
C PRO A 224 11.54 18.30 -0.11
N ASP A 225 10.36 18.89 -0.38
CA ASP A 225 10.20 20.28 -0.80
C ASP A 225 10.83 21.28 0.16
N GLU A 226 10.71 20.98 1.46
CA GLU A 226 11.19 21.78 2.59
C GLU A 226 12.70 21.81 2.70
N GLN A 227 13.39 20.99 1.88
CA GLN A 227 14.84 20.87 1.90
C GLN A 227 15.42 21.04 0.48
N PHE A 228 14.57 21.52 -0.48
CA PHE A 228 14.88 21.78 -1.88
C PHE A 228 16.31 22.30 -2.08
N MET A 229 16.64 23.47 -1.48
CA MET A 229 17.95 24.10 -1.62
C MET A 229 19.10 23.23 -1.12
N SER A 230 18.88 22.50 -0.01
CA SER A 230 19.86 21.62 0.62
C SER A 230 20.14 20.37 -0.22
N GLY A 231 19.10 19.85 -0.89
CA GLY A 231 19.22 18.67 -1.72
C GLY A 231 19.91 18.97 -3.03
N ARG A 232 19.56 20.12 -3.62
CA ARG A 232 20.12 20.63 -4.86
C ARG A 232 21.63 20.86 -4.74
N VAL A 233 22.10 21.57 -3.68
CA VAL A 233 23.53 21.89 -3.55
C VAL A 233 24.40 20.67 -3.27
N ILE A 234 23.86 19.63 -2.60
CA ILE A 234 24.68 18.47 -2.30
C ILE A 234 24.74 17.49 -3.49
N GLY A 235 23.98 17.74 -4.55
CA GLY A 235 24.08 16.89 -5.74
C GLY A 235 22.84 16.57 -6.52
N ALA A 236 21.66 16.99 -6.05
CA ALA A 236 20.44 16.73 -6.80
C ALA A 236 20.32 17.76 -7.93
N GLU A 237 20.44 17.30 -9.18
CA GLU A 237 20.32 18.20 -10.34
C GLU A 237 18.84 18.30 -10.74
N GLY A 238 18.03 17.36 -10.27
CA GLY A 238 16.59 17.33 -10.49
C GLY A 238 15.80 17.68 -9.24
N ALA A 239 14.50 17.94 -9.39
CA ALA A 239 13.57 18.25 -8.30
C ALA A 239 12.13 17.91 -8.68
N ILE A 240 11.52 17.05 -7.89
CA ILE A 240 10.14 16.63 -8.06
C ILE A 240 9.48 16.85 -6.70
N GLY A 241 8.42 17.64 -6.69
CA GLY A 241 7.71 17.96 -5.46
C GLY A 241 6.22 18.08 -5.60
N GLY A 242 5.53 17.72 -4.52
CA GLY A 242 4.07 17.79 -4.42
C GLY A 242 3.53 19.18 -4.15
N THR A 243 4.38 20.10 -3.67
CA THR A 243 3.90 21.46 -3.37
C THR A 243 4.23 22.45 -4.48
N TYR A 244 5.02 22.02 -5.48
CA TYR A 244 5.44 22.92 -6.59
C TYR A 244 4.28 23.51 -7.34
N GLY A 245 3.25 22.71 -7.61
CA GLY A 245 2.06 23.11 -8.34
C GLY A 245 1.31 24.29 -7.75
N ALA A 246 1.43 24.51 -6.43
CA ALA A 246 0.77 25.60 -5.70
C ALA A 246 1.46 26.95 -5.86
N MET A 247 2.73 26.95 -6.23
CA MET A 247 3.54 28.19 -6.34
C MET A 247 4.73 27.89 -7.27
N PRO A 248 4.50 27.54 -8.56
CA PRO A 248 5.63 27.13 -9.42
C PRO A 248 6.74 28.15 -9.53
N GLU A 249 6.36 29.44 -9.65
CA GLU A 249 7.27 30.58 -9.78
C GLU A 249 8.21 30.71 -8.61
N LEU A 250 7.77 30.37 -7.39
CA LEU A 250 8.64 30.45 -6.21
C LEU A 250 9.81 29.47 -6.29
N TYR A 251 9.52 28.22 -6.72
CA TYR A 251 10.51 27.17 -6.87
C TYR A 251 11.48 27.46 -8.01
N LEU A 252 10.94 27.95 -9.15
CA LEU A 252 11.76 28.37 -10.31
C LEU A 252 12.74 29.46 -9.90
N LYS A 253 12.24 30.44 -9.11
CA LYS A 253 13.06 31.53 -8.61
C LYS A 253 14.09 31.02 -7.62
N LEU A 254 13.67 30.09 -6.74
CA LEU A 254 14.54 29.44 -5.76
C LEU A 254 15.72 28.75 -6.48
N ASP A 255 15.38 27.96 -7.52
CA ASP A 255 16.31 27.21 -8.34
C ASP A 255 17.27 28.18 -9.05
N GLU A 256 16.74 29.33 -9.49
CA GLU A 256 17.51 30.38 -10.15
C GLU A 256 18.56 30.97 -9.19
N CYS A 257 18.18 31.22 -7.92
CA CYS A 257 19.12 31.75 -6.91
C CYS A 257 20.21 30.74 -6.57
N ILE A 258 19.84 29.43 -6.53
CA ILE A 258 20.76 28.33 -6.26
C ILE A 258 21.83 28.30 -7.35
N ASN A 259 21.39 28.21 -8.63
CA ASN A 259 22.26 28.18 -9.81
C ASN A 259 23.19 29.40 -9.87
N ALA A 260 22.69 30.57 -9.44
CA ALA A 260 23.49 31.79 -9.40
C ALA A 260 24.45 31.81 -8.22
N GLY A 261 24.23 30.95 -7.23
CA GLY A 261 25.05 30.91 -6.03
C GLY A 261 24.63 31.95 -5.02
N LYS A 262 23.46 32.57 -5.25
CA LYS A 262 22.82 33.57 -4.39
C LYS A 262 22.08 32.73 -3.33
N MET A 263 22.79 32.35 -2.24
CA MET A 263 22.30 31.51 -1.16
C MET A 263 21.41 32.24 -0.18
N THR A 264 21.67 33.52 0.11
CA THR A 264 20.84 34.32 1.01
C THR A 264 19.45 34.49 0.39
N GLU A 265 19.39 34.86 -0.91
CA GLU A 265 18.11 35.02 -1.60
C GLU A 265 17.39 33.66 -1.67
N ALA A 266 18.16 32.57 -1.86
CA ALA A 266 17.63 31.18 -1.89
C ALA A 266 17.01 30.82 -0.54
N ARG A 267 17.73 31.05 0.57
CA ARG A 267 17.29 30.80 1.96
C ARG A 267 15.99 31.51 2.21
N LYS A 268 15.91 32.80 1.84
CA LYS A 268 14.71 33.63 2.02
C LYS A 268 13.47 33.08 1.29
N ILE A 269 13.65 32.57 0.05
CA ILE A 269 12.54 31.95 -0.69
C ILE A 269 12.14 30.60 -0.03
N GLN A 270 13.18 29.77 0.32
CA GLN A 270 12.99 28.48 0.96
C GLN A 270 12.10 28.59 2.20
N TYR A 271 12.47 29.50 3.12
CA TYR A 271 11.71 29.79 4.34
C TYR A 271 10.29 30.24 4.09
N ALA A 272 10.05 30.99 3.02
CA ALA A 272 8.73 31.48 2.61
C ALA A 272 7.89 30.32 2.07
N CYS A 273 8.49 29.44 1.21
CA CYS A 273 7.82 28.23 0.69
C CYS A 273 7.45 27.29 1.84
N ASN A 274 8.38 27.05 2.80
CA ASN A 274 8.15 26.14 3.95
C ASN A 274 7.07 26.67 4.87
N GLU A 275 7.05 28.00 5.06
CA GLU A 275 6.05 28.66 5.88
C GLU A 275 4.66 28.41 5.26
N ILE A 276 4.55 28.38 3.91
CA ILE A 276 3.31 28.08 3.15
C ILE A 276 2.96 26.58 3.29
N ILE A 277 3.98 25.67 3.20
CA ILE A 277 3.79 24.22 3.34
C ILE A 277 3.17 23.91 4.71
N TYR A 278 3.79 24.40 5.79
CA TYR A 278 3.32 24.20 7.16
C TYR A 278 1.89 24.70 7.35
N LYS A 279 1.50 25.78 6.65
CA LYS A 279 0.15 26.33 6.71
C LYS A 279 -0.80 25.40 5.97
N MET A 280 -0.41 24.93 4.77
CA MET A 280 -1.24 24.00 3.98
C MET A 280 -1.44 22.68 4.73
N CYS A 281 -0.46 22.29 5.57
CA CYS A 281 -0.47 21.04 6.33
C CYS A 281 -1.19 21.15 7.69
N SER A 282 -1.58 22.36 8.09
CA SER A 282 -2.25 22.56 9.38
C SER A 282 -3.78 22.34 9.27
N ALA A 283 -4.28 22.10 8.05
CA ALA A 283 -5.70 21.88 7.82
C ALA A 283 -6.16 20.47 8.22
N HIS A 284 -7.47 20.33 8.38
CA HIS A 284 -8.15 19.10 8.71
C HIS A 284 -8.15 18.26 7.41
N GLY A 285 -8.52 18.92 6.31
CA GLY A 285 -8.50 18.33 4.98
C GLY A 285 -7.07 18.06 4.54
N ASN A 286 -6.89 17.06 3.69
CA ASN A 286 -5.58 16.64 3.16
C ASN A 286 -4.85 17.81 2.46
N MET A 287 -3.50 17.84 2.55
CA MET A 287 -2.67 18.87 1.92
C MET A 287 -3.03 19.10 0.45
N TYR A 288 -3.28 18.01 -0.32
CA TYR A 288 -3.65 18.13 -1.73
C TYR A 288 -5.03 18.75 -1.91
N ALA A 289 -5.95 18.55 -0.95
CA ALA A 289 -7.29 19.14 -1.00
C ALA A 289 -7.13 20.66 -0.87
N VAL A 290 -6.26 21.10 0.08
CA VAL A 290 -5.88 22.50 0.33
C VAL A 290 -5.31 23.14 -0.96
N ILE A 291 -4.36 22.44 -1.63
CA ILE A 291 -3.72 22.94 -2.85
C ILE A 291 -4.74 23.17 -3.97
N LYS A 292 -5.58 22.18 -4.25
CA LYS A 292 -6.60 22.33 -5.29
C LYS A 292 -7.49 23.54 -5.02
N ALA A 293 -7.85 23.77 -3.74
CA ALA A 293 -8.69 24.88 -3.32
C ALA A 293 -7.99 26.21 -3.54
N ILE A 294 -6.66 26.25 -3.33
CA ILE A 294 -5.80 27.40 -3.55
C ILE A 294 -5.76 27.72 -5.05
N LEU A 295 -5.63 26.69 -5.89
CA LEU A 295 -5.58 26.88 -7.33
C LEU A 295 -6.91 27.42 -7.88
N LYS A 296 -8.02 27.19 -7.17
CA LYS A 296 -9.32 27.76 -7.52
C LYS A 296 -9.29 29.29 -7.24
N ILE A 297 -8.82 29.67 -6.04
CA ILE A 297 -8.68 31.07 -5.59
C ILE A 297 -7.67 31.86 -6.44
N ASN A 298 -6.44 31.32 -6.62
CA ASN A 298 -5.39 32.04 -7.30
C ASN A 298 -5.37 31.92 -8.80
N GLU A 299 -6.01 30.89 -9.37
CA GLU A 299 -5.91 30.67 -10.81
C GLU A 299 -7.22 30.37 -11.51
N GLY A 300 -8.31 30.25 -10.74
CA GLY A 300 -9.61 29.86 -11.28
C GLY A 300 -9.66 28.44 -11.80
N LEU A 301 -8.79 27.55 -11.29
CA LEU A 301 -8.73 26.15 -11.73
C LEU A 301 -9.71 25.28 -10.99
N GLU A 302 -10.39 24.42 -11.75
CA GLU A 302 -11.37 23.47 -11.24
C GLU A 302 -10.76 22.07 -11.32
N LEU A 303 -10.22 21.60 -10.18
CA LEU A 303 -9.48 20.32 -10.05
C LEU A 303 -10.25 19.22 -9.32
N GLY A 304 -11.41 19.56 -8.78
CA GLY A 304 -12.21 18.63 -8.00
C GLY A 304 -11.64 18.52 -6.60
N ALA A 305 -12.11 17.54 -5.87
CA ALA A 305 -11.69 17.30 -4.49
C ALA A 305 -10.60 16.16 -4.44
N VAL A 306 -10.39 15.54 -3.27
CA VAL A 306 -9.45 14.43 -3.09
C VAL A 306 -10.26 13.13 -2.99
N ARG A 307 -9.73 12.03 -3.55
CA ARG A 307 -10.41 10.75 -3.53
C ARG A 307 -10.29 10.07 -2.17
N GLU A 308 -11.44 9.61 -1.62
CA GLU A 308 -11.51 8.88 -0.35
C GLU A 308 -10.69 7.59 -0.43
N PRO A 309 -9.88 7.23 0.59
CA PRO A 309 -9.89 7.75 1.98
C PRO A 309 -9.19 9.10 2.27
N LEU A 310 -8.61 9.83 1.31
CA LEU A 310 -8.01 11.14 1.65
C LEU A 310 -9.09 12.09 2.21
N PRO A 311 -8.84 12.73 3.39
CA PRO A 311 -9.90 13.56 3.99
C PRO A 311 -10.15 14.85 3.21
N ALA A 312 -11.41 15.16 2.98
CA ALA A 312 -11.77 16.40 2.30
C ALA A 312 -11.64 17.60 3.25
N LEU A 313 -11.73 18.79 2.68
CA LEU A 313 -11.73 20.04 3.43
C LEU A 313 -13.02 20.19 4.19
N VAL A 314 -12.93 20.89 5.33
CA VAL A 314 -14.09 21.24 6.15
C VAL A 314 -14.22 22.78 6.10
N ASP A 315 -15.34 23.34 6.60
CA ASP A 315 -15.60 24.78 6.59
C ASP A 315 -14.52 25.57 7.28
N GLU A 316 -14.04 25.07 8.44
CA GLU A 316 -12.97 25.69 9.24
C GLU A 316 -11.65 25.85 8.46
N ASP A 317 -11.43 24.98 7.46
CA ASP A 317 -10.23 24.97 6.62
C ASP A 317 -10.16 26.11 5.60
N MET A 318 -11.32 26.71 5.23
CA MET A 318 -11.40 27.79 4.25
C MET A 318 -10.52 28.98 4.57
N GLU A 319 -10.43 29.35 5.86
CA GLU A 319 -9.58 30.45 6.34
C GLU A 319 -8.12 30.11 6.14
N ILE A 320 -7.77 28.84 6.35
CA ILE A 320 -6.40 28.30 6.18
C ILE A 320 -6.09 28.37 4.69
N VAL A 321 -7.04 27.94 3.83
CA VAL A 321 -6.94 27.94 2.36
C VAL A 321 -6.69 29.36 1.81
N LYS A 322 -7.45 30.35 2.35
CA LYS A 322 -7.37 31.76 1.96
C LYS A 322 -6.06 32.38 2.44
N GLU A 323 -5.68 32.14 3.72
CA GLU A 323 -4.43 32.68 4.24
C GLU A 323 -3.22 32.14 3.45
N ALA A 324 -3.17 30.82 3.17
CA ALA A 324 -2.06 30.22 2.42
C ALA A 324 -2.00 30.77 0.98
N ALA A 325 -3.17 30.91 0.30
CA ALA A 325 -3.29 31.47 -1.06
C ALA A 325 -2.71 32.91 -1.10
N GLN A 326 -3.05 33.73 -0.07
CA GLN A 326 -2.53 35.10 0.09
C GLN A 326 -1.03 35.09 0.36
N MET A 327 -0.55 34.13 1.19
CA MET A 327 0.90 33.99 1.49
C MET A 327 1.68 33.74 0.22
N ILE A 328 1.06 33.00 -0.72
CA ILE A 328 1.65 32.69 -2.02
C ILE A 328 1.78 34.00 -2.83
N CYS A 329 0.68 34.74 -2.99
CA CYS A 329 0.65 36.01 -3.71
C CYS A 329 1.66 37.00 -3.14
N ASP A 330 1.71 37.16 -1.82
CA ASP A 330 2.64 38.01 -1.09
C ASP A 330 4.11 37.60 -1.24
N ALA A 331 4.40 36.29 -1.30
CA ALA A 331 5.77 35.79 -1.47
C ALA A 331 6.23 36.04 -2.90
N LYS A 332 5.31 35.93 -3.90
CA LYS A 332 5.63 36.17 -5.32
C LYS A 332 5.98 37.67 -5.49
N LYS A 333 5.16 38.56 -4.88
CA LYS A 333 5.37 40.01 -4.91
C LYS A 333 6.72 40.38 -4.30
N LYS A 334 7.11 39.71 -3.19
CA LYS A 334 8.35 39.98 -2.48
C LYS A 334 9.60 39.40 -3.16
N PHE A 335 9.47 38.29 -3.90
CA PHE A 335 10.67 37.67 -4.44
C PHE A 335 10.80 37.67 -5.96
N LEU A 336 9.70 37.89 -6.73
CA LEU A 336 9.82 37.90 -8.19
C LEU A 336 10.17 39.27 -8.77
N ARG B 33 -24.32 -9.71 23.29
CA ARG B 33 -23.95 -10.13 21.93
C ARG B 33 -23.21 -11.48 21.95
N ASN B 34 -23.66 -12.42 21.11
CA ASN B 34 -23.08 -13.77 20.99
C ASN B 34 -22.02 -13.83 19.86
N LEU B 35 -20.74 -14.12 20.25
CA LEU B 35 -19.63 -14.20 19.30
C LEU B 35 -18.94 -15.56 19.24
N GLU B 36 -19.66 -16.62 19.67
CA GLU B 36 -19.19 -18.00 19.72
C GLU B 36 -18.68 -18.53 18.39
N LYS B 37 -19.36 -18.15 17.28
CA LYS B 37 -19.01 -18.57 15.91
C LYS B 37 -17.64 -18.00 15.44
N TYR B 38 -17.13 -16.98 16.13
CA TYR B 38 -15.81 -16.39 15.83
C TYR B 38 -14.69 -16.93 16.75
N LYS B 39 -15.05 -17.66 17.83
CA LYS B 39 -14.06 -18.21 18.78
C LYS B 39 -13.46 -19.49 18.23
N GLY B 40 -12.14 -19.58 18.26
CA GLY B 40 -11.44 -20.76 17.73
C GLY B 40 -10.45 -20.43 16.63
N VAL B 41 -10.11 -21.42 15.81
CA VAL B 41 -9.12 -21.31 14.74
C VAL B 41 -9.76 -20.97 13.39
N ILE B 42 -9.39 -19.78 12.83
CA ILE B 42 -9.85 -19.24 11.56
C ILE B 42 -8.64 -18.98 10.66
N PRO B 43 -8.23 -19.99 9.88
CA PRO B 43 -7.10 -19.79 8.96
C PRO B 43 -7.38 -18.72 7.91
N ALA B 44 -6.35 -17.93 7.61
CA ALA B 44 -6.45 -16.96 6.54
C ALA B 44 -6.37 -17.82 5.25
N PHE B 45 -7.31 -17.61 4.32
CA PHE B 45 -7.50 -18.32 3.06
C PHE B 45 -6.53 -17.80 2.03
N TYR B 46 -5.79 -18.71 1.40
CA TYR B 46 -4.78 -18.41 0.39
C TYR B 46 -5.37 -18.08 -0.95
N ALA B 47 -4.56 -17.37 -1.80
CA ALA B 47 -4.97 -17.02 -3.16
C ALA B 47 -4.75 -18.23 -4.09
N CYS B 48 -5.85 -18.90 -4.44
CA CYS B 48 -5.83 -20.08 -5.32
C CYS B 48 -5.84 -19.70 -6.80
N TYR B 49 -4.73 -20.00 -7.50
CA TYR B 49 -4.55 -19.68 -8.92
C TYR B 49 -4.51 -20.91 -9.84
N ASP B 50 -4.86 -20.69 -11.12
CA ASP B 50 -4.74 -21.68 -12.18
C ASP B 50 -3.30 -21.52 -12.73
N LYS B 51 -2.84 -22.44 -13.60
CA LYS B 51 -1.48 -22.44 -14.16
C LYS B 51 -1.10 -21.17 -15.00
N GLU B 52 -2.07 -20.29 -15.28
CA GLU B 52 -1.87 -19.05 -16.01
C GLU B 52 -1.77 -17.83 -15.07
N GLY B 53 -1.98 -18.06 -13.76
CA GLY B 53 -1.91 -17.02 -12.74
C GLY B 53 -3.22 -16.29 -12.46
N ASN B 54 -4.33 -16.83 -12.95
CA ASN B 54 -5.67 -16.30 -12.75
C ASN B 54 -6.37 -17.04 -11.64
N ILE B 55 -7.32 -16.37 -10.96
CA ILE B 55 -8.09 -16.96 -9.88
C ILE B 55 -8.75 -18.27 -10.36
N SER B 56 -8.52 -19.36 -9.61
CA SER B 56 -9.09 -20.66 -9.95
C SER B 56 -10.33 -20.95 -9.13
N PRO B 57 -11.53 -20.85 -9.75
CA PRO B 57 -12.77 -21.16 -9.01
C PRO B 57 -12.73 -22.58 -8.42
N GLU B 58 -12.22 -23.52 -9.23
CA GLU B 58 -12.03 -24.94 -8.91
C GLU B 58 -11.07 -25.04 -7.73
N GLY B 59 -9.96 -24.30 -7.83
CA GLY B 59 -8.92 -24.21 -6.80
C GLY B 59 -9.44 -23.71 -5.48
N VAL B 60 -10.19 -22.60 -5.51
CA VAL B 60 -10.81 -21.98 -4.34
C VAL B 60 -11.72 -23.00 -3.63
N GLN B 61 -12.62 -23.67 -4.41
CA GLN B 61 -13.57 -24.68 -3.93
C GLN B 61 -12.87 -25.83 -3.22
N GLY B 62 -11.80 -26.32 -3.82
CA GLY B 62 -10.96 -27.38 -3.27
C GLY B 62 -10.31 -27.00 -1.95
N LEU B 63 -9.83 -25.73 -1.82
CA LEU B 63 -9.23 -25.29 -0.56
C LEU B 63 -10.29 -25.08 0.52
N THR B 64 -11.52 -24.70 0.10
CA THR B 64 -12.62 -24.52 1.05
C THR B 64 -13.02 -25.93 1.56
N LYS B 65 -13.11 -26.94 0.65
CA LYS B 65 -13.44 -28.33 1.02
C LYS B 65 -12.41 -28.84 2.02
N TYR B 66 -11.16 -28.51 1.78
CA TYR B 66 -10.04 -28.85 2.67
C TYR B 66 -10.31 -28.34 4.13
N PHE B 67 -10.62 -27.02 4.29
CA PHE B 67 -10.86 -26.42 5.59
C PHE B 67 -12.07 -27.00 6.33
N VAL B 68 -13.12 -27.41 5.57
CA VAL B 68 -14.33 -28.06 6.07
C VAL B 68 -13.93 -29.43 6.67
N LYS B 69 -13.18 -30.23 5.90
CA LYS B 69 -12.63 -31.54 6.31
C LYS B 69 -11.67 -31.38 7.51
N LYS B 70 -10.95 -30.24 7.59
CA LYS B 70 -10.00 -30.08 8.69
C LYS B 70 -10.65 -29.69 9.99
N GLY B 71 -11.94 -29.34 9.94
CA GLY B 71 -12.73 -28.96 11.11
C GLY B 71 -12.34 -27.65 11.75
N VAL B 72 -11.87 -26.66 10.96
CA VAL B 72 -11.53 -25.33 11.48
C VAL B 72 -12.82 -24.51 11.73
N LYS B 73 -12.81 -23.50 12.67
CA LYS B 73 -14.00 -22.67 12.96
C LYS B 73 -14.51 -21.90 11.77
N GLY B 74 -13.60 -21.41 10.93
CA GLY B 74 -13.99 -20.69 9.74
C GLY B 74 -12.81 -20.35 8.86
N VAL B 75 -13.03 -19.39 7.93
CA VAL B 75 -11.99 -18.93 7.02
C VAL B 75 -11.99 -17.40 6.93
N TYR B 76 -10.79 -16.81 6.85
CA TYR B 76 -10.58 -15.37 6.70
C TYR B 76 -10.17 -15.20 5.24
N VAL B 77 -11.11 -14.73 4.42
CA VAL B 77 -10.99 -14.64 2.95
C VAL B 77 -10.51 -13.27 2.46
N ASN B 78 -9.61 -13.27 1.44
CA ASN B 78 -9.09 -12.08 0.78
C ASN B 78 -8.35 -11.12 1.71
N GLY B 79 -7.60 -11.67 2.67
CA GLY B 79 -6.74 -10.89 3.55
C GLY B 79 -5.39 -10.74 2.89
N SER B 80 -4.37 -10.33 3.67
CA SER B 80 -2.99 -10.18 3.20
C SER B 80 -2.47 -11.55 2.73
N SER B 81 -2.82 -12.61 3.47
CA SER B 81 -2.49 -14.02 3.15
C SER B 81 -3.16 -14.47 1.87
N GLY B 82 -4.28 -13.86 1.53
CA GLY B 82 -4.98 -14.14 0.28
C GLY B 82 -4.51 -13.21 -0.83
N GLU B 83 -3.35 -12.53 -0.63
CA GLU B 83 -2.72 -11.59 -1.57
C GLU B 83 -3.68 -10.48 -2.07
N CYS B 84 -4.63 -10.01 -1.21
CA CYS B 84 -5.64 -9.00 -1.54
C CYS B 84 -5.07 -7.79 -2.26
N ILE B 85 -3.92 -7.27 -1.76
CA ILE B 85 -3.12 -6.16 -2.26
C ILE B 85 -2.92 -6.31 -3.79
N TYR B 86 -2.70 -7.54 -4.26
CA TYR B 86 -2.41 -7.82 -5.67
C TYR B 86 -3.62 -8.24 -6.52
N GLN B 87 -4.84 -8.26 -5.93
CA GLN B 87 -6.04 -8.69 -6.66
C GLN B 87 -6.89 -7.55 -7.11
N SER B 88 -7.71 -7.79 -8.16
CA SER B 88 -8.68 -6.80 -8.64
C SER B 88 -9.95 -7.00 -7.82
N VAL B 89 -10.89 -6.05 -7.89
CA VAL B 89 -12.19 -6.18 -7.21
C VAL B 89 -12.89 -7.48 -7.71
N GLU B 90 -12.83 -7.73 -9.04
CA GLU B 90 -13.43 -8.92 -9.66
C GLU B 90 -12.76 -10.21 -9.14
N ASP B 91 -11.41 -10.24 -9.05
CA ASP B 91 -10.67 -11.38 -8.53
C ASP B 91 -11.19 -11.72 -7.13
N ARG B 92 -11.37 -10.68 -6.28
CA ARG B 92 -11.79 -10.86 -4.89
C ARG B 92 -13.24 -11.34 -4.76
N LYS B 93 -14.12 -10.97 -5.73
CA LYS B 93 -15.53 -11.39 -5.80
C LYS B 93 -15.60 -12.87 -6.12
N ILE B 94 -14.87 -13.30 -7.17
CA ILE B 94 -14.77 -14.71 -7.59
C ILE B 94 -14.33 -15.59 -6.42
N VAL B 95 -13.24 -15.20 -5.70
CA VAL B 95 -12.75 -15.94 -4.53
C VAL B 95 -13.87 -16.19 -3.52
N LEU B 96 -14.51 -15.11 -3.05
CA LEU B 96 -15.60 -15.22 -2.08
C LEU B 96 -16.80 -16.05 -2.55
N GLU B 97 -17.25 -15.85 -3.81
CA GLU B 97 -18.34 -16.58 -4.43
C GLU B 97 -18.09 -18.09 -4.37
N ASN B 98 -16.91 -18.52 -4.82
CA ASN B 98 -16.52 -19.92 -4.80
C ASN B 98 -16.27 -20.47 -3.37
N VAL B 99 -15.94 -19.61 -2.39
CA VAL B 99 -15.81 -20.02 -0.99
C VAL B 99 -17.23 -20.30 -0.50
N MET B 100 -18.16 -19.36 -0.73
CA MET B 100 -19.55 -19.47 -0.26
C MET B 100 -20.27 -20.64 -0.87
N LYS B 101 -20.02 -20.89 -2.17
CA LYS B 101 -20.58 -21.98 -2.96
C LYS B 101 -20.36 -23.35 -2.24
N VAL B 102 -19.25 -23.48 -1.47
CA VAL B 102 -18.82 -24.68 -0.70
C VAL B 102 -19.01 -24.52 0.83
N ALA B 103 -18.89 -23.29 1.37
CA ALA B 103 -19.01 -23.04 2.80
C ALA B 103 -20.46 -23.18 3.33
N GLU B 104 -21.16 -24.21 2.78
CA GLU B 104 -22.51 -24.67 3.10
C GLU B 104 -22.44 -25.23 4.50
N GLY B 105 -21.29 -25.82 4.81
CA GLY B 105 -20.98 -26.44 6.09
C GLY B 105 -20.77 -25.44 7.21
N LYS B 106 -19.97 -25.85 8.17
CA LYS B 106 -19.72 -25.06 9.35
C LYS B 106 -18.47 -24.21 9.17
N LEU B 107 -18.51 -23.29 8.21
CA LEU B 107 -17.45 -22.32 8.07
C LEU B 107 -17.99 -20.93 8.33
N THR B 108 -17.54 -20.33 9.43
CA THR B 108 -17.80 -18.92 9.75
C THR B 108 -16.92 -18.17 8.72
N VAL B 109 -17.54 -17.39 7.82
CA VAL B 109 -16.79 -16.68 6.78
C VAL B 109 -16.65 -15.20 7.11
N ILE B 110 -15.40 -14.75 7.23
CA ILE B 110 -14.96 -13.38 7.43
C ILE B 110 -14.28 -13.00 6.13
N ALA B 111 -14.86 -12.01 5.42
CA ALA B 111 -14.29 -11.54 4.17
C ALA B 111 -13.59 -10.17 4.38
N HIS B 112 -12.31 -10.10 4.03
CA HIS B 112 -11.57 -8.84 4.13
C HIS B 112 -11.94 -8.06 2.87
N VAL B 113 -12.47 -6.84 3.03
CA VAL B 113 -12.98 -6.08 1.87
C VAL B 113 -12.19 -4.80 1.54
N ALA B 114 -11.24 -4.40 2.42
CA ALA B 114 -10.42 -3.21 2.25
C ALA B 114 -9.54 -3.25 1.00
N CYS B 115 -9.57 -2.14 0.23
CA CYS B 115 -8.84 -1.86 -1.00
C CYS B 115 -8.11 -0.53 -0.80
N ASN B 116 -7.20 -0.16 -1.70
CA ASN B 116 -6.48 1.11 -1.63
C ASN B 116 -7.43 2.32 -1.47
N ASN B 117 -8.49 2.41 -2.32
CA ASN B 117 -9.47 3.49 -2.25
C ASN B 117 -10.75 3.01 -1.55
N THR B 118 -11.64 3.97 -1.17
CA THR B 118 -12.89 3.68 -0.44
C THR B 118 -13.94 3.04 -1.33
N LYS B 119 -14.18 3.58 -2.55
CA LYS B 119 -15.23 3.05 -3.44
C LYS B 119 -15.03 1.56 -3.80
N ASP B 120 -13.78 1.10 -3.98
CA ASP B 120 -13.52 -0.32 -4.26
C ASP B 120 -13.87 -1.18 -3.02
N SER B 121 -13.56 -0.67 -1.81
CA SER B 121 -13.83 -1.33 -0.54
C SER B 121 -15.34 -1.43 -0.26
N GLN B 122 -16.10 -0.39 -0.64
CA GLN B 122 -17.57 -0.35 -0.50
C GLN B 122 -18.22 -1.37 -1.42
N GLU B 123 -17.72 -1.47 -2.67
CA GLU B 123 -18.21 -2.42 -3.67
C GLU B 123 -18.06 -3.85 -3.17
N LEU B 124 -16.92 -4.15 -2.53
CA LEU B 124 -16.62 -5.47 -1.97
C LEU B 124 -17.42 -5.77 -0.72
N ALA B 125 -17.64 -4.75 0.14
CA ALA B 125 -18.45 -4.86 1.36
C ALA B 125 -19.92 -5.15 0.99
N ARG B 126 -20.42 -4.51 -0.08
CA ARG B 126 -21.78 -4.70 -0.57
C ARG B 126 -21.89 -6.13 -1.11
N HIS B 127 -20.96 -6.51 -2.02
CA HIS B 127 -20.91 -7.84 -2.61
C HIS B 127 -20.88 -8.94 -1.56
N ALA B 128 -20.09 -8.77 -0.49
CA ALA B 128 -19.98 -9.74 0.60
C ALA B 128 -21.30 -9.94 1.34
N GLU B 129 -22.02 -8.82 1.62
CA GLU B 129 -23.32 -8.86 2.31
C GLU B 129 -24.35 -9.64 1.46
N GLY B 130 -24.28 -9.47 0.14
CA GLY B 130 -25.11 -10.16 -0.85
C GLY B 130 -24.93 -11.67 -0.80
N LEU B 131 -23.72 -12.15 -0.41
CA LEU B 131 -23.44 -13.58 -0.28
C LEU B 131 -23.68 -14.08 1.16
N GLY B 132 -24.05 -13.17 2.04
CA GLY B 132 -24.36 -13.48 3.43
C GLY B 132 -23.21 -13.97 4.28
N VAL B 133 -22.02 -13.33 4.15
CA VAL B 133 -20.85 -13.65 4.97
C VAL B 133 -21.18 -13.30 6.42
N ASP B 134 -20.54 -13.98 7.39
CA ASP B 134 -20.74 -13.71 8.80
C ASP B 134 -20.24 -12.32 9.15
N ALA B 135 -19.05 -11.97 8.67
CA ALA B 135 -18.43 -10.67 8.96
C ALA B 135 -17.59 -10.17 7.82
N ILE B 136 -17.40 -8.85 7.81
CA ILE B 136 -16.49 -8.17 6.91
C ILE B 136 -15.34 -7.61 7.76
N ALA B 137 -14.15 -7.52 7.16
CA ALA B 137 -12.98 -7.03 7.85
C ALA B 137 -12.26 -5.99 7.03
N ALA B 138 -11.53 -5.11 7.71
CA ALA B 138 -10.76 -4.10 6.99
C ALA B 138 -9.46 -3.72 7.68
N ILE B 139 -8.39 -3.65 6.87
CA ILE B 139 -7.11 -3.14 7.34
C ILE B 139 -7.28 -1.59 7.28
N PRO B 140 -6.38 -0.79 7.91
CA PRO B 140 -6.52 0.66 7.79
C PRO B 140 -6.13 1.14 6.39
N PRO B 141 -6.32 2.44 6.03
CA PRO B 141 -5.71 2.92 4.78
C PRO B 141 -4.18 2.72 4.84
N ILE B 142 -3.58 2.38 3.72
CA ILE B 142 -2.16 2.09 3.64
C ILE B 142 -1.39 3.22 2.91
N TYR B 143 -0.06 3.04 2.78
CA TYR B 143 0.90 3.92 2.10
C TYR B 143 1.01 5.30 2.77
N PHE B 144 0.00 6.16 2.63
CA PHE B 144 -0.04 7.45 3.35
C PHE B 144 -0.46 7.17 4.80
N HIS B 145 0.03 7.97 5.76
CA HIS B 145 -0.33 7.88 7.16
C HIS B 145 -1.45 8.89 7.37
N LEU B 146 -2.68 8.39 7.26
CA LEU B 146 -3.85 9.23 7.36
C LEU B 146 -4.25 9.49 8.80
N PRO B 147 -4.75 10.70 9.15
CA PRO B 147 -5.19 10.97 10.53
C PRO B 147 -6.32 10.03 10.97
N GLU B 148 -6.50 9.92 12.29
CA GLU B 148 -7.47 9.03 12.91
C GLU B 148 -8.88 9.20 12.37
N TYR B 149 -9.30 10.47 12.11
CA TYR B 149 -10.65 10.73 11.62
C TYR B 149 -10.88 10.21 10.20
N ALA B 150 -9.84 10.21 9.39
CA ALA B 150 -9.86 9.69 8.02
C ALA B 150 -9.93 8.15 8.07
N ILE B 151 -9.27 7.53 9.06
CA ILE B 151 -9.30 6.06 9.19
C ILE B 151 -10.71 5.65 9.61
N ALA B 152 -11.27 6.34 10.63
CA ALA B 152 -12.62 6.04 11.10
C ALA B 152 -13.66 6.22 9.97
N GLN B 153 -13.50 7.28 9.14
CA GLN B 153 -14.41 7.56 8.02
C GLN B 153 -14.34 6.43 6.98
N TYR B 154 -13.15 5.92 6.71
CA TYR B 154 -12.88 4.84 5.76
C TYR B 154 -13.61 3.57 6.20
N TRP B 155 -13.41 3.17 7.46
CA TRP B 155 -14.02 1.96 8.02
C TRP B 155 -15.52 2.03 8.11
N ASN B 156 -16.06 3.19 8.57
CA ASN B 156 -17.50 3.40 8.66
C ASN B 156 -18.14 3.48 7.29
N ALA B 157 -17.42 3.96 6.26
CA ALA B 157 -17.99 4.01 4.90
C ALA B 157 -18.13 2.60 4.33
N ILE B 158 -17.18 1.72 4.69
CA ILE B 158 -17.17 0.29 4.31
C ILE B 158 -18.32 -0.41 5.03
N SER B 159 -18.40 -0.22 6.37
CA SER B 159 -19.44 -0.78 7.22
C SER B 159 -20.84 -0.37 6.75
N ALA B 160 -21.01 0.87 6.28
CA ALA B 160 -22.28 1.41 5.80
C ALA B 160 -22.71 0.78 4.46
N ALA B 161 -21.72 0.23 3.69
CA ALA B 161 -21.96 -0.47 2.43
C ALA B 161 -22.41 -1.92 2.70
N ALA B 162 -22.30 -2.38 3.96
CA ALA B 162 -22.74 -3.70 4.46
C ALA B 162 -23.37 -3.44 5.86
N PRO B 163 -24.52 -2.71 5.93
CA PRO B 163 -25.06 -2.27 7.24
C PRO B 163 -25.65 -3.33 8.15
N ASN B 164 -25.78 -4.56 7.68
CA ASN B 164 -26.34 -5.66 8.46
C ASN B 164 -25.27 -6.71 8.81
N THR B 165 -24.04 -6.51 8.34
CA THR B 165 -22.94 -7.46 8.57
C THR B 165 -22.01 -7.01 9.70
N ASP B 166 -21.51 -7.98 10.47
CA ASP B 166 -20.51 -7.76 11.53
C ASP B 166 -19.23 -7.20 10.90
N PHE B 167 -18.48 -6.41 11.70
CA PHE B 167 -17.27 -5.74 11.23
C PHE B 167 -16.03 -5.98 12.13
N VAL B 168 -14.93 -6.36 11.48
CA VAL B 168 -13.67 -6.61 12.18
C VAL B 168 -12.61 -5.54 11.80
N ILE B 169 -12.04 -4.83 12.79
CA ILE B 169 -10.97 -3.84 12.54
C ILE B 169 -9.68 -4.65 12.50
N TYR B 170 -8.83 -4.47 11.48
CA TYR B 170 -7.54 -5.15 11.45
C TYR B 170 -6.44 -4.20 11.91
N ASN B 171 -5.69 -4.57 13.00
CA ASN B 171 -4.55 -3.77 13.49
C ASN B 171 -3.27 -4.47 13.06
N ILE B 172 -2.58 -3.87 12.06
CA ILE B 172 -1.36 -4.41 11.47
C ILE B 172 -0.37 -3.23 11.16
N PRO B 173 0.15 -2.58 12.23
CA PRO B 173 1.02 -1.40 12.05
C PRO B 173 2.32 -1.62 11.28
N GLN B 174 2.88 -2.83 11.37
CA GLN B 174 4.11 -3.23 10.68
C GLN B 174 3.95 -3.05 9.18
N LEU B 175 2.76 -3.38 8.62
CA LEU B 175 2.49 -3.32 7.20
C LEU B 175 1.72 -2.08 6.78
N ALA B 176 0.64 -1.74 7.50
CA ALA B 176 -0.17 -0.58 7.16
C ALA B 176 0.53 0.78 7.42
N GLY B 177 1.48 0.80 8.35
CA GLY B 177 2.22 2.00 8.75
C GLY B 177 1.48 2.91 9.72
N VAL B 178 0.23 2.55 10.06
CA VAL B 178 -0.64 3.24 11.03
C VAL B 178 -1.16 2.19 11.98
N ALA B 179 -1.38 2.55 13.25
CA ALA B 179 -1.89 1.60 14.22
C ALA B 179 -3.28 1.98 14.70
N LEU B 180 -4.03 0.98 15.15
CA LEU B 180 -5.31 1.18 15.80
C LEU B 180 -4.93 1.60 17.21
N THR B 181 -5.23 2.85 17.55
CA THR B 181 -4.95 3.38 18.88
C THR B 181 -6.17 3.07 19.75
N GLN B 182 -6.01 3.24 21.08
CA GLN B 182 -7.12 3.07 22.03
C GLN B 182 -8.26 4.07 21.73
N ASN B 183 -7.90 5.32 21.38
CA ASN B 183 -8.87 6.36 21.07
C ASN B 183 -9.64 6.07 19.79
N LEU B 184 -8.95 5.56 18.74
CA LEU B 184 -9.59 5.21 17.49
C LEU B 184 -10.56 4.02 17.70
N PHE B 185 -10.14 3.07 18.58
CA PHE B 185 -10.97 1.95 18.96
C PHE B 185 -12.23 2.37 19.73
N VAL B 186 -12.11 3.33 20.67
CA VAL B 186 -13.26 3.90 21.41
C VAL B 186 -14.24 4.51 20.37
N GLU B 187 -13.67 5.22 19.39
CA GLU B 187 -14.44 5.88 18.32
C GLU B 187 -15.18 4.88 17.46
N MET B 188 -14.53 3.74 17.16
CA MET B 188 -15.09 2.69 16.31
C MET B 188 -16.17 1.88 17.00
N ARG B 189 -16.06 1.74 18.33
CA ARG B 189 -17.04 1.02 19.15
C ARG B 189 -18.42 1.72 19.16
N LYS B 190 -18.50 2.96 18.64
CA LYS B 190 -19.75 3.70 18.47
C LYS B 190 -20.54 3.06 17.32
N ASN B 191 -19.84 2.36 16.38
CA ASN B 191 -20.47 1.64 15.27
C ASN B 191 -20.93 0.30 15.85
N PRO B 192 -22.27 0.02 15.89
CA PRO B 192 -22.72 -1.25 16.47
C PRO B 192 -22.33 -2.52 15.70
N ASN B 193 -21.96 -2.38 14.40
CA ASN B 193 -21.55 -3.56 13.62
C ASN B 193 -20.17 -4.06 14.00
N VAL B 194 -19.33 -3.19 14.61
CA VAL B 194 -17.97 -3.54 15.04
C VAL B 194 -18.06 -4.56 16.15
N ILE B 195 -17.52 -5.78 15.88
CA ILE B 195 -17.54 -6.89 16.85
C ILE B 195 -16.18 -7.08 17.55
N GLY B 196 -15.14 -6.41 17.05
CA GLY B 196 -13.79 -6.45 17.60
C GLY B 196 -12.62 -6.17 16.65
N VAL B 197 -11.42 -6.56 17.13
CA VAL B 197 -10.13 -6.32 16.48
C VAL B 197 -9.36 -7.61 16.16
N ALA B 198 -8.79 -7.66 14.97
CA ALA B 198 -7.86 -8.72 14.55
C ALA B 198 -6.46 -8.07 14.75
N ASN B 199 -5.76 -8.43 15.87
CA ASN B 199 -4.50 -7.82 16.28
C ASN B 199 -3.26 -8.59 15.79
N SER B 200 -2.55 -8.00 14.82
CA SER B 200 -1.36 -8.58 14.21
C SER B 200 -0.07 -7.91 14.68
N SER B 201 -0.18 -6.84 15.49
CA SER B 201 0.96 -6.18 16.09
C SER B 201 1.59 -7.21 17.06
N MET B 202 2.87 -7.07 17.33
CA MET B 202 3.66 -7.97 18.17
C MET B 202 3.36 -7.89 19.67
N PRO B 203 3.03 -6.73 20.31
CA PRO B 203 2.80 -6.76 21.77
C PRO B 203 1.46 -7.41 22.11
N VAL B 204 1.48 -8.37 23.07
CA VAL B 204 0.27 -9.06 23.51
C VAL B 204 -0.55 -8.09 24.39
N GLN B 205 0.14 -7.08 24.99
CA GLN B 205 -0.45 -5.98 25.76
C GLN B 205 -1.54 -5.28 24.91
N ASP B 206 -1.34 -5.22 23.59
CA ASP B 206 -2.29 -4.60 22.65
C ASP B 206 -3.62 -5.37 22.69
N ILE B 207 -3.55 -6.74 22.69
CA ILE B 207 -4.72 -7.64 22.81
C ILE B 207 -5.40 -7.40 24.17
N GLN B 208 -4.58 -7.36 25.25
CA GLN B 208 -5.05 -7.16 26.62
C GLN B 208 -5.76 -5.81 26.75
N MET B 209 -5.18 -4.74 26.19
CA MET B 209 -5.74 -3.41 26.32
C MET B 209 -7.03 -3.26 25.50
N PHE B 210 -7.07 -3.86 24.30
CA PHE B 210 -8.25 -3.80 23.46
C PHE B 210 -9.39 -4.57 24.12
N LYS B 211 -9.08 -5.77 24.68
CA LYS B 211 -10.07 -6.63 25.33
C LYS B 211 -10.66 -5.98 26.58
N GLN B 212 -9.79 -5.58 27.54
CA GLN B 212 -10.17 -4.88 28.77
C GLN B 212 -11.04 -3.68 28.45
N ALA B 213 -10.65 -2.86 27.45
CA ALA B 213 -11.41 -1.68 27.08
C ALA B 213 -12.78 -1.99 26.49
N ALA B 214 -12.88 -3.00 25.61
CA ALA B 214 -14.12 -3.35 24.91
C ALA B 214 -15.11 -4.20 25.73
N GLY B 215 -14.59 -5.10 26.56
CA GLY B 215 -15.42 -5.96 27.40
C GLY B 215 -15.89 -7.23 26.72
N ALA B 216 -16.96 -7.83 27.28
CA ALA B 216 -17.48 -9.14 26.87
C ALA B 216 -18.22 -9.19 25.54
N GLU B 217 -18.74 -8.07 25.04
CA GLU B 217 -19.45 -8.10 23.75
C GLU B 217 -18.55 -7.98 22.53
N TYR B 218 -17.22 -7.97 22.79
CA TYR B 218 -16.19 -7.87 21.75
C TYR B 218 -15.24 -9.05 21.74
N ILE B 219 -14.65 -9.34 20.59
CA ILE B 219 -13.70 -10.43 20.40
C ILE B 219 -12.38 -9.89 19.86
N ILE B 220 -11.24 -10.38 20.38
CA ILE B 220 -9.93 -10.02 19.85
C ILE B 220 -9.37 -11.28 19.21
N PHE B 221 -8.91 -11.15 17.96
CA PHE B 221 -8.32 -12.27 17.22
C PHE B 221 -6.81 -12.18 17.32
N ASN B 222 -6.15 -13.32 17.55
CA ASN B 222 -4.70 -13.32 17.63
C ASN B 222 -4.12 -13.41 16.23
N GLY B 223 -3.28 -12.42 15.89
CA GLY B 223 -2.59 -12.31 14.60
C GLY B 223 -1.23 -12.96 14.52
N PRO B 224 -0.26 -12.72 15.45
CA PRO B 224 1.07 -13.37 15.31
C PRO B 224 0.99 -14.85 15.66
N ASP B 225 1.11 -15.73 14.64
CA ASP B 225 1.03 -17.20 14.78
C ASP B 225 2.02 -17.76 15.79
N GLU B 226 3.21 -17.18 15.84
CA GLU B 226 4.34 -17.52 16.70
C GLU B 226 4.09 -17.20 18.17
N GLN B 227 3.00 -16.51 18.47
CA GLN B 227 2.65 -16.08 19.82
C GLN B 227 1.20 -16.50 20.16
N PHE B 228 0.60 -17.39 19.30
CA PHE B 228 -0.76 -17.93 19.42
C PHE B 228 -1.19 -18.17 20.87
N MET B 229 -0.45 -19.04 21.60
CA MET B 229 -0.75 -19.40 22.97
C MET B 229 -0.73 -18.20 23.93
N SER B 230 0.23 -17.28 23.71
CA SER B 230 0.39 -16.08 24.53
C SER B 230 -0.73 -15.06 24.35
N GLY B 231 -1.23 -14.97 23.10
CA GLY B 231 -2.29 -14.04 22.75
C GLY B 231 -3.64 -14.52 23.27
N ARG B 232 -3.86 -15.84 23.11
CA ARG B 232 -5.06 -16.53 23.56
C ARG B 232 -5.27 -16.42 25.08
N VAL B 233 -4.22 -16.69 25.89
CA VAL B 233 -4.36 -16.65 27.35
C VAL B 233 -4.56 -15.24 27.91
N ILE B 234 -4.05 -14.23 27.24
CA ILE B 234 -4.20 -12.88 27.78
C ILE B 234 -5.55 -12.25 27.38
N GLY B 235 -6.34 -12.94 26.52
CA GLY B 235 -7.66 -12.45 26.18
C GLY B 235 -8.15 -12.59 24.76
N ALA B 236 -7.32 -13.09 23.84
CA ALA B 236 -7.80 -13.28 22.47
C ALA B 236 -8.61 -14.57 22.41
N GLU B 237 -9.93 -14.46 22.17
CA GLU B 237 -10.80 -15.64 22.08
C GLU B 237 -10.82 -16.16 20.65
N GLY B 238 -10.38 -15.31 19.73
CA GLY B 238 -10.25 -15.65 18.31
C GLY B 238 -8.81 -15.80 17.87
N ALA B 239 -8.60 -16.37 16.69
CA ALA B 239 -7.29 -16.55 16.09
C ALA B 239 -7.37 -16.62 14.56
N ILE B 240 -6.65 -15.70 13.93
CA ILE B 240 -6.52 -15.62 12.49
C ILE B 240 -5.05 -15.67 12.18
N GLY B 241 -4.68 -16.62 11.34
CA GLY B 241 -3.28 -16.74 10.96
C GLY B 241 -3.04 -17.18 9.55
N GLY B 242 -1.94 -16.71 9.00
CA GLY B 242 -1.47 -17.03 7.65
C GLY B 242 -0.78 -18.39 7.55
N THR B 243 -0.34 -18.98 8.67
CA THR B 243 0.33 -20.27 8.62
C THR B 243 -0.59 -21.42 9.01
N TYR B 244 -1.81 -21.12 9.48
CA TYR B 244 -2.77 -22.15 9.91
C TYR B 244 -3.09 -23.15 8.82
N GLY B 245 -3.27 -22.67 7.60
CA GLY B 245 -3.61 -23.48 6.43
C GLY B 245 -2.63 -24.60 6.13
N ALA B 246 -1.36 -24.43 6.53
CA ALA B 246 -0.29 -25.41 6.30
C ALA B 246 -0.30 -26.59 7.28
N MET B 247 -0.96 -26.44 8.42
CA MET B 247 -1.01 -27.44 9.49
C MET B 247 -2.22 -27.17 10.38
N PRO B 248 -3.46 -27.22 9.84
CA PRO B 248 -4.63 -26.82 10.66
C PRO B 248 -4.77 -27.59 11.96
N GLU B 249 -4.53 -28.92 11.90
CA GLU B 249 -4.65 -29.85 13.03
C GLU B 249 -3.74 -29.46 14.19
N LEU B 250 -2.54 -28.92 13.90
CA LEU B 250 -1.60 -28.53 14.95
C LEU B 250 -2.16 -27.38 15.79
N TYR B 251 -2.76 -26.39 15.14
CA TYR B 251 -3.34 -25.22 15.78
C TYR B 251 -4.59 -25.59 16.57
N LEU B 252 -5.44 -26.47 15.99
CA LEU B 252 -6.65 -26.98 16.66
C LEU B 252 -6.25 -27.68 17.95
N LYS B 253 -5.19 -28.53 17.85
CA LYS B 253 -4.67 -29.27 19.01
C LYS B 253 -4.10 -28.32 20.04
N LEU B 254 -3.34 -27.30 19.56
CA LEU B 254 -2.75 -26.25 20.39
C LEU B 254 -3.86 -25.53 21.20
N ASP B 255 -4.93 -25.13 20.49
CA ASP B 255 -6.08 -24.43 21.03
C ASP B 255 -6.79 -25.32 22.07
N GLU B 256 -6.86 -26.65 21.77
CA GLU B 256 -7.45 -27.65 22.66
C GLU B 256 -6.66 -27.74 23.98
N CYS B 257 -5.31 -27.77 23.90
CA CYS B 257 -4.44 -27.80 25.08
C CYS B 257 -4.61 -26.54 25.92
N ILE B 258 -4.72 -25.35 25.24
CA ILE B 258 -4.89 -24.05 25.89
C ILE B 258 -6.14 -24.06 26.72
N ASN B 259 -7.29 -24.39 26.07
CA ASN B 259 -8.62 -24.46 26.69
C ASN B 259 -8.63 -25.39 27.89
N ALA B 260 -7.90 -26.54 27.77
CA ALA B 260 -7.79 -27.52 28.85
C ALA B 260 -6.88 -27.04 29.98
N GLY B 261 -6.02 -26.06 29.70
CA GLY B 261 -5.08 -25.52 30.68
C GLY B 261 -3.82 -26.35 30.74
N LYS B 262 -3.57 -27.14 29.66
CA LYS B 262 -2.41 -28.01 29.47
C LYS B 262 -1.30 -27.13 28.85
N MET B 263 -0.64 -26.28 29.69
CA MET B 263 0.37 -25.30 29.24
C MET B 263 1.67 -25.93 28.71
N THR B 264 2.11 -27.03 29.33
CA THR B 264 3.31 -27.75 28.95
C THR B 264 3.12 -28.36 27.56
N GLU B 265 1.97 -29.03 27.29
CA GLU B 265 1.73 -29.60 25.97
C GLU B 265 1.50 -28.54 24.89
N ALA B 266 0.88 -27.40 25.29
CA ALA B 266 0.66 -26.23 24.41
C ALA B 266 2.03 -25.68 23.91
N ARG B 267 2.95 -25.45 24.85
CA ARG B 267 4.31 -25.01 24.64
C ARG B 267 5.02 -25.92 23.62
N LYS B 268 4.88 -27.23 23.77
CA LYS B 268 5.50 -28.21 22.89
C LYS B 268 4.97 -28.11 21.46
N ILE B 269 3.66 -27.90 21.28
CA ILE B 269 3.07 -27.73 19.94
C ILE B 269 3.49 -26.34 19.37
N GLN B 270 3.40 -25.29 20.20
CA GLN B 270 3.78 -23.92 19.82
C GLN B 270 5.19 -23.88 19.21
N TYR B 271 6.16 -24.44 19.94
CA TYR B 271 7.56 -24.52 19.51
C TYR B 271 7.75 -25.31 18.23
N ALA B 272 6.94 -26.35 18.01
CA ALA B 272 6.98 -27.19 16.80
C ALA B 272 6.40 -26.41 15.62
N CYS B 273 5.26 -25.68 15.82
CA CYS B 273 4.66 -24.80 14.79
C CYS B 273 5.65 -23.70 14.39
N ASN B 274 6.29 -23.03 15.40
CA ASN B 274 7.25 -21.92 15.14
C ASN B 274 8.48 -22.40 14.41
N GLU B 275 8.93 -23.62 14.75
CA GLU B 275 10.08 -24.23 14.11
C GLU B 275 9.77 -24.43 12.62
N ILE B 276 8.52 -24.78 12.26
CA ILE B 276 8.02 -24.96 10.89
C ILE B 276 7.91 -23.57 10.20
N ILE B 277 7.39 -22.54 10.92
CA ILE B 277 7.28 -21.17 10.39
C ILE B 277 8.66 -20.66 9.96
N TYR B 278 9.64 -20.69 10.88
CA TYR B 278 11.01 -20.22 10.61
C TYR B 278 11.64 -20.94 9.42
N LYS B 279 11.29 -22.23 9.22
CA LYS B 279 11.78 -23.02 8.09
C LYS B 279 11.10 -22.54 6.80
N MET B 280 9.77 -22.35 6.84
CA MET B 280 9.02 -21.86 5.68
C MET B 280 9.49 -20.46 5.26
N CYS B 281 9.97 -19.65 6.25
CA CYS B 281 10.44 -18.28 6.04
C CYS B 281 11.92 -18.18 5.62
N SER B 282 12.65 -19.30 5.65
CA SER B 282 14.07 -19.31 5.28
C SER B 282 14.30 -19.43 3.77
N ALA B 283 13.22 -19.66 3.01
CA ALA B 283 13.26 -19.78 1.55
C ALA B 283 13.45 -18.43 0.85
N HIS B 284 13.92 -18.50 -0.39
CA HIS B 284 14.12 -17.37 -1.28
C HIS B 284 12.71 -16.95 -1.74
N GLY B 285 11.89 -17.94 -2.10
CA GLY B 285 10.50 -17.73 -2.49
C GLY B 285 9.68 -17.31 -1.28
N ASN B 286 8.61 -16.56 -1.52
CA ASN B 286 7.73 -16.04 -0.50
C ASN B 286 7.13 -17.16 0.37
N MET B 287 6.91 -16.89 1.68
CA MET B 287 6.32 -17.85 2.62
C MET B 287 5.07 -18.51 2.07
N TYR B 288 4.16 -17.74 1.44
CA TYR B 288 2.93 -18.27 0.85
C TYR B 288 3.19 -19.19 -0.34
N ALA B 289 4.28 -18.96 -1.10
CA ALA B 289 4.67 -19.81 -2.22
C ALA B 289 5.06 -21.19 -1.66
N VAL B 290 5.86 -21.18 -0.56
CA VAL B 290 6.30 -22.35 0.21
C VAL B 290 5.07 -23.16 0.70
N ILE B 291 4.07 -22.47 1.30
CA ILE B 291 2.87 -23.10 1.85
C ILE B 291 2.08 -23.82 0.76
N LYS B 292 1.80 -23.15 -0.35
CA LYS B 292 1.06 -23.77 -1.45
C LYS B 292 1.76 -25.05 -1.92
N ALA B 293 3.11 -25.02 -2.00
CA ALA B 293 3.94 -26.13 -2.42
C ALA B 293 3.86 -27.31 -1.43
N ILE B 294 3.74 -27.00 -0.13
CA ILE B 294 3.59 -27.97 0.97
C ILE B 294 2.25 -28.64 0.82
N LEU B 295 1.20 -27.85 0.54
CA LEU B 295 -0.16 -28.38 0.38
C LEU B 295 -0.28 -29.32 -0.83
N LYS B 296 0.61 -29.15 -1.83
CA LYS B 296 0.67 -30.05 -2.97
C LYS B 296 1.24 -31.41 -2.50
N ILE B 297 2.36 -31.39 -1.76
CA ILE B 297 3.03 -32.57 -1.22
C ILE B 297 2.17 -33.31 -0.19
N ASN B 298 1.61 -32.59 0.80
CA ASN B 298 0.86 -33.20 1.89
C ASN B 298 -0.60 -33.45 1.64
N GLU B 299 -1.24 -32.66 0.76
CA GLU B 299 -2.69 -32.79 0.52
C GLU B 299 -3.10 -32.89 -0.96
N GLY B 300 -2.13 -32.97 -1.88
CA GLY B 300 -2.42 -33.04 -3.31
C GLY B 300 -3.21 -31.84 -3.84
N LEU B 301 -3.09 -30.67 -3.16
CA LEU B 301 -3.79 -29.45 -3.54
C LEU B 301 -3.05 -28.67 -4.58
N GLU B 302 -3.79 -28.20 -5.59
CA GLU B 302 -3.28 -27.41 -6.69
C GLU B 302 -3.75 -25.96 -6.50
N LEU B 303 -2.87 -25.11 -5.92
CA LEU B 303 -3.17 -23.72 -5.54
C LEU B 303 -2.51 -22.66 -6.42
N GLY B 304 -1.67 -23.11 -7.34
CA GLY B 304 -0.91 -22.20 -8.20
C GLY B 304 0.27 -21.62 -7.46
N ALA B 305 0.84 -20.56 -8.03
CA ALA B 305 2.00 -19.85 -7.49
C ALA B 305 1.57 -18.56 -6.74
N VAL B 306 2.50 -17.62 -6.49
CA VAL B 306 2.24 -16.33 -5.85
C VAL B 306 2.29 -15.24 -6.92
N ARG B 307 1.41 -14.24 -6.80
CA ARG B 307 1.35 -13.16 -7.78
C ARG B 307 2.47 -12.15 -7.59
N GLU B 308 3.17 -11.80 -8.69
CA GLU B 308 4.24 -10.81 -8.71
C GLU B 308 3.68 -9.44 -8.28
N PRO B 309 4.40 -8.66 -7.43
CA PRO B 309 5.82 -8.79 -7.04
C PRO B 309 6.22 -9.85 -5.99
N LEU B 310 5.30 -10.68 -5.42
CA LEU B 310 5.75 -11.70 -4.45
C LEU B 310 6.73 -12.65 -5.12
N PRO B 311 7.91 -12.91 -4.51
CA PRO B 311 8.91 -13.76 -5.19
C PRO B 311 8.51 -15.22 -5.25
N ALA B 312 8.67 -15.83 -6.41
CA ALA B 312 8.37 -17.25 -6.60
C ALA B 312 9.49 -18.11 -5.97
N LEU B 313 9.22 -19.41 -5.85
CA LEU B 313 10.21 -20.39 -5.38
C LEU B 313 11.29 -20.55 -6.44
N VAL B 314 12.50 -20.92 -5.99
CA VAL B 314 13.63 -21.21 -6.86
C VAL B 314 13.97 -22.71 -6.64
N ASP B 315 14.89 -23.28 -7.44
CA ASP B 315 15.29 -24.69 -7.34
C ASP B 315 15.78 -25.05 -5.94
N GLU B 316 16.62 -24.17 -5.34
CA GLU B 316 17.18 -24.32 -4.01
C GLU B 316 16.11 -24.42 -2.90
N ASP B 317 14.92 -23.85 -3.14
CA ASP B 317 13.79 -23.84 -2.20
C ASP B 317 13.11 -25.21 -2.06
N MET B 318 13.19 -26.09 -3.09
CA MET B 318 12.56 -27.41 -3.10
C MET B 318 12.87 -28.26 -1.88
N GLU B 319 14.13 -28.19 -1.40
CA GLU B 319 14.57 -28.91 -0.20
C GLU B 319 13.89 -28.37 1.05
N ILE B 320 13.71 -27.03 1.15
CA ILE B 320 13.07 -26.35 2.30
C ILE B 320 11.58 -26.70 2.32
N VAL B 321 10.97 -26.78 1.11
CA VAL B 321 9.58 -27.17 0.91
C VAL B 321 9.38 -28.62 1.40
N LYS B 322 10.24 -29.55 0.91
CA LYS B 322 10.24 -30.97 1.27
C LYS B 322 10.45 -31.16 2.77
N GLU B 323 11.47 -30.49 3.38
CA GLU B 323 11.78 -30.57 4.82
C GLU B 323 10.66 -30.02 5.73
N ALA B 324 10.08 -28.85 5.39
CA ALA B 324 9.01 -28.29 6.20
C ALA B 324 7.74 -29.10 6.12
N ALA B 325 7.41 -29.69 4.93
CA ALA B 325 6.26 -30.60 4.73
C ALA B 325 6.42 -31.83 5.64
N GLN B 326 7.65 -32.41 5.71
CA GLN B 326 7.98 -33.56 6.58
C GLN B 326 7.88 -33.18 8.06
N MET B 327 8.36 -31.96 8.43
CA MET B 327 8.28 -31.46 9.81
C MET B 327 6.83 -31.40 10.26
N ILE B 328 5.91 -31.06 9.32
CA ILE B 328 4.47 -30.98 9.57
C ILE B 328 3.94 -32.39 9.87
N CYS B 329 4.22 -33.36 8.96
CA CYS B 329 3.80 -34.77 9.12
C CYS B 329 4.28 -35.36 10.44
N ASP B 330 5.58 -35.15 10.76
CA ASP B 330 6.23 -35.60 12.00
C ASP B 330 5.64 -34.96 13.24
N ALA B 331 5.25 -33.67 13.19
CA ALA B 331 4.66 -32.98 14.33
C ALA B 331 3.24 -33.48 14.58
N LYS B 332 2.49 -33.82 13.50
CA LYS B 332 1.12 -34.36 13.62
C LYS B 332 1.18 -35.75 14.31
N LYS B 333 2.10 -36.60 13.84
CA LYS B 333 2.35 -37.93 14.40
C LYS B 333 2.72 -37.85 15.89
N LYS B 334 3.54 -36.84 16.28
CA LYS B 334 4.01 -36.65 17.64
C LYS B 334 2.98 -36.03 18.58
N PHE B 335 2.06 -35.19 18.06
CA PHE B 335 1.14 -34.49 18.95
C PHE B 335 -0.35 -34.86 18.83
N LEU B 336 -0.77 -35.46 17.70
CA LEU B 336 -2.19 -35.83 17.58
C LEU B 336 -2.52 -37.22 18.16
O1A SI3 C . 4.00 12.24 -6.21
C1 SI3 C . 5.07 11.96 -5.49
O1B SI3 C . 5.66 10.90 -5.53
C2 SI3 C . 5.56 13.05 -4.56
O2 SI3 C . 5.24 14.22 -4.76
C3 SI3 C . 6.49 12.66 -3.43
C4 SI3 C . 7.22 13.85 -2.82
O4 SI3 C . 8.62 13.59 -2.66
C5 SI3 C . 6.58 14.34 -1.52
N5 SI3 C . 6.96 13.51 -0.38
C10 SI3 C . 6.07 12.83 0.37
C11 SI3 C . 6.63 12.17 1.61
O10 SI3 C . 4.88 12.71 0.06
C6 SI3 C . 6.89 15.82 -1.25
O6 SI3 C . 6.97 16.54 -2.48
C7 SI3 C . 5.94 16.50 -0.27
O7 SI3 C . 4.68 16.72 -0.90
C8 SI3 C . 6.47 17.83 0.26
O8 SI3 C . 7.83 17.73 0.66
C9 SI3 C . 5.62 18.40 1.39
O9 SI3 C . 5.83 17.69 2.61
O1A SI3 D . -4.32 -12.33 5.76
C1 SI3 D . -3.85 -11.65 6.77
O1B SI3 D . -4.12 -10.49 6.97
C2 SI3 D . -2.92 -12.42 7.70
O2 SI3 D . -3.05 -13.63 7.85
C3 SI3 D . -1.86 -11.65 8.45
C4 SI3 D . -1.46 -12.30 9.77
O4 SI3 D . -1.88 -11.51 10.89
C5 SI3 D . 0.03 -12.67 9.86
N5 SI3 D . 0.85 -11.49 10.13
C10 SI3 D . 1.41 -10.72 9.18
C11 SI3 D . 2.20 -9.55 9.66
O10 SI3 D . 1.27 -10.95 7.98
C6 SI3 D . 0.22 -13.79 10.91
O6 SI3 D . -0.84 -14.73 10.74
C7 SI3 D . 1.51 -14.64 10.86
O7 SI3 D . 2.35 -14.35 11.97
C8 SI3 D . 2.25 -14.60 9.52
O8 SI3 D . 1.33 -14.96 8.49
C9 SI3 D . 3.39 -15.65 9.54
O9 SI3 D . 4.43 -15.31 10.45
#